data_5L87
#
_entry.id   5L87
#
_cell.length_a   43.030
_cell.length_b   37.260
_cell.length_c   42.460
_cell.angle_alpha   90.00
_cell.angle_beta   117.89
_cell.angle_gamma   90.00
#
_symmetry.space_group_name_H-M   'C 1 2 1'
#
loop_
_entity.id
_entity.type
_entity.pdbx_description
1 polymer 'Peroxin 14'
2 non-polymer 5-(1~{H}-indol-3-ylmethyl)-1-methyl-~{N}-(naphthalen-1-ylmethyl)-6,7-dihydro-4~{H}-pyrazolo[4,3-c]pyridine-3-carboxamide
3 non-polymer 1,2-ETHANEDIOL
4 water water
#
_entity_poly.entity_id   1
_entity_poly.type   'polypeptide(L)'
_entity_poly.pdbx_seq_one_letter_code
;GAMWHTHSEREKRVSNAVEFLLDSRVRRTPTSSKVHFLKSKGLSAEEICEAFTKVGQPKTLNEIKRILS
;
_entity_poly.pdbx_strand_id   A
#
# COMPACT_ATOMS: atom_id res chain seq x y z
N SER A 8 3.15 14.09 10.14
CA SER A 8 2.73 14.72 8.85
C SER A 8 1.48 14.01 8.33
N GLU A 9 0.67 14.68 7.48
CA GLU A 9 -0.47 14.00 6.84
C GLU A 9 0.01 12.76 6.05
N ARG A 10 1.12 12.88 5.36
CA ARG A 10 1.67 11.74 4.64
C ARG A 10 1.98 10.61 5.59
N GLU A 11 2.72 10.88 6.67
CA GLU A 11 3.10 9.81 7.56
C GLU A 11 1.86 9.14 8.19
N LYS A 12 0.82 9.91 8.47
CA LYS A 12 -0.40 9.32 9.02
C LYS A 12 -1.07 8.37 7.97
N ARG A 13 -1.07 8.75 6.70
CA ARG A 13 -1.57 7.84 5.67
C ARG A 13 -0.74 6.55 5.61
N VAL A 14 0.56 6.70 5.63
CA VAL A 14 1.43 5.51 5.55
C VAL A 14 1.25 4.63 6.79
N SER A 15 1.13 5.23 7.97
CA SER A 15 0.89 4.44 9.19
C SER A 15 -0.39 3.64 9.11
N ASN A 16 -1.47 4.29 8.64
CA ASN A 16 -2.71 3.59 8.46
C ASN A 16 -2.55 2.42 7.46
N ALA A 17 -1.83 2.68 6.37
CA ALA A 17 -1.62 1.65 5.33
C ALA A 17 -0.85 0.47 5.85
N VAL A 18 0.21 0.70 6.63
CA VAL A 18 0.98 -0.37 7.22
C VAL A 18 0.08 -1.28 8.06
N GLU A 19 -0.76 -0.61 8.92
CA GLU A 19 -1.62 -1.40 9.79
C GLU A 19 -2.61 -2.27 8.98
N PHE A 20 -3.16 -1.69 7.90
CA PHE A 20 -4.00 -2.45 6.97
C PHE A 20 -3.25 -3.67 6.41
N LEU A 21 -2.06 -3.43 5.85
CA LEU A 21 -1.31 -4.48 5.19
C LEU A 21 -0.89 -5.61 6.13
N LEU A 22 -0.73 -5.31 7.42
CA LEU A 22 -0.36 -6.30 8.44
C LEU A 22 -1.51 -7.20 8.88
N ASP A 23 -2.75 -6.77 8.67
CA ASP A 23 -3.89 -7.49 9.24
C ASP A 23 -3.98 -8.92 8.69
N SER A 24 -4.36 -9.87 9.55
CA SER A 24 -4.37 -11.28 9.16
C SER A 24 -5.32 -11.60 8.02
N ARG A 25 -6.38 -10.88 7.82
CA ARG A 25 -7.31 -11.10 6.71
C ARG A 25 -6.81 -10.51 5.44
N VAL A 26 -6.02 -9.41 5.51
CA VAL A 26 -5.51 -8.66 4.38
C VAL A 26 -4.28 -9.32 3.79
N ARG A 27 -3.38 -9.80 4.66
CA ARG A 27 -2.04 -10.12 4.23
C ARG A 27 -1.98 -11.15 3.14
N ARG A 28 -2.87 -12.14 3.11
CA ARG A 28 -2.64 -13.21 2.05
C ARG A 28 -3.31 -12.84 0.74
N THR A 29 -4.13 -11.67 0.72
CA THR A 29 -4.92 -11.29 -0.43
C THR A 29 -4.08 -10.66 -1.47
N PRO A 30 -4.56 -10.56 -2.72
CA PRO A 30 -3.66 -10.16 -3.79
C PRO A 30 -3.19 -8.70 -3.68
N THR A 31 -1.99 -8.48 -4.18
CA THR A 31 -1.41 -7.13 -4.22
C THR A 31 -2.32 -6.14 -4.88
N SER A 32 -2.90 -6.48 -6.03
CA SER A 32 -3.63 -5.51 -6.79
C SER A 32 -4.83 -4.99 -5.95
N SER A 33 -5.56 -5.82 -5.25
CA SER A 33 -6.70 -5.38 -4.44
C SER A 33 -6.25 -4.51 -3.31
N LYS A 34 -5.09 -4.79 -2.71
CA LYS A 34 -4.55 -3.94 -1.65
C LYS A 34 -4.19 -2.55 -2.18
N VAL A 35 -3.55 -2.52 -3.36
CA VAL A 35 -3.15 -1.25 -3.97
C VAL A 35 -4.37 -0.36 -4.30
N HIS A 36 -5.40 -0.96 -4.93
CA HIS A 36 -6.60 -0.14 -5.22
C HIS A 36 -7.24 0.36 -3.94
N PHE A 37 -7.31 -0.48 -2.91
CA PHE A 37 -7.88 -0.01 -1.64
C PHE A 37 -7.10 1.18 -1.11
N LEU A 38 -5.76 1.07 -1.08
CA LEU A 38 -4.97 2.17 -0.51
C LEU A 38 -5.10 3.46 -1.30
N LYS A 39 -5.16 3.37 -2.63
CA LYS A 39 -5.38 4.59 -3.43
C LYS A 39 -6.73 5.22 -3.02
N SER A 40 -7.75 4.40 -2.78
CA SER A 40 -9.09 4.92 -2.42
C SER A 40 -9.08 5.62 -1.08
N LYS A 41 -8.12 5.32 -0.21
CA LYS A 41 -8.00 5.97 1.08
C LYS A 41 -7.13 7.22 1.00
N GLY A 42 -6.67 7.60 -0.17
CA GLY A 42 -5.95 8.84 -0.38
C GLY A 42 -4.46 8.73 -0.62
N LEU A 43 -3.89 7.50 -0.60
CA LEU A 43 -2.44 7.38 -0.79
C LEU A 43 -2.07 7.55 -2.30
N SER A 44 -0.91 8.17 -2.49
CA SER A 44 -0.28 8.18 -3.78
C SER A 44 0.43 6.81 -4.05
N ALA A 45 0.80 6.61 -5.29
CA ALA A 45 1.56 5.38 -5.63
C ALA A 45 2.85 5.30 -4.81
N GLU A 46 3.54 6.45 -4.61
CA GLU A 46 4.78 6.47 -3.86
C GLU A 46 4.57 6.14 -2.39
N GLU A 47 3.45 6.62 -1.80
CA GLU A 47 3.14 6.28 -0.43
C GLU A 47 2.80 4.78 -0.29
N ILE A 48 2.08 4.24 -1.27
CA ILE A 48 1.76 2.82 -1.29
C ILE A 48 3.09 2.01 -1.33
N CYS A 49 4.00 2.44 -2.21
CA CYS A 49 5.31 1.78 -2.33
C CYS A 49 6.02 1.77 -0.96
N GLU A 50 6.05 2.93 -0.30
CA GLU A 50 6.69 3.01 1.00
C GLU A 50 6.05 2.04 1.99
N ALA A 51 4.71 1.99 2.02
CA ALA A 51 4.02 1.10 2.98
C ALA A 51 4.34 -0.38 2.73
N PHE A 52 4.38 -0.82 1.48
CA PHE A 52 4.72 -2.24 1.20
C PHE A 52 6.14 -2.57 1.70
N THR A 53 7.10 -1.66 1.46
CA THR A 53 8.45 -1.90 1.97
C THR A 53 8.46 -1.94 3.50
N LYS A 54 7.65 -1.07 4.16
CA LYS A 54 7.62 -1.05 5.61
C LYS A 54 7.09 -2.34 6.23
N VAL A 55 6.31 -3.15 5.51
CA VAL A 55 5.86 -4.43 6.02
C VAL A 55 6.70 -5.59 5.50
N GLY A 56 7.85 -5.29 4.88
CA GLY A 56 8.75 -6.34 4.44
C GLY A 56 8.29 -7.05 3.21
N GLN A 57 7.40 -6.43 2.43
CA GLN A 57 6.88 -7.01 1.18
C GLN A 57 7.10 -5.99 0.08
N PRO A 58 8.36 -5.66 -0.20
CA PRO A 58 8.61 -4.57 -1.15
C PRO A 58 8.02 -4.87 -2.52
N LYS A 59 7.47 -3.82 -3.11
CA LYS A 59 6.97 -3.82 -4.47
C LYS A 59 7.66 -2.65 -5.22
N THR A 60 7.88 -2.82 -6.50
CA THR A 60 8.41 -1.72 -7.28
C THR A 60 7.33 -0.65 -7.50
N LEU A 61 7.77 0.59 -7.65
CA LEU A 61 6.83 1.62 -8.04
C LEU A 61 6.24 1.28 -9.42
N ASN A 62 7.07 0.68 -10.31
CA ASN A 62 6.56 0.29 -11.61
C ASN A 62 5.35 -0.64 -11.47
N GLU A 63 5.41 -1.63 -10.58
CA GLU A 63 4.28 -2.56 -10.43
C GLU A 63 3.02 -1.82 -9.87
N ILE A 64 3.25 -0.99 -8.87
CA ILE A 64 2.13 -0.25 -8.26
C ILE A 64 1.44 0.61 -9.33
N LYS A 65 2.27 1.36 -10.09
CA LYS A 65 1.68 2.22 -11.13
C LYS A 65 0.99 1.42 -12.23
N ARG A 66 1.52 0.25 -12.59
CA ARG A 66 0.83 -0.55 -13.62
C ARG A 66 -0.52 -1.02 -13.12
N ILE A 67 -0.61 -1.40 -11.84
CA ILE A 67 -1.90 -1.81 -11.28
C ILE A 67 -2.93 -0.65 -11.37
N LEU A 68 -2.45 0.57 -11.04
CA LEU A 68 -3.32 1.73 -10.98
C LEU A 68 -3.60 2.33 -12.36
N SER A 69 -2.91 1.93 -13.40
CA SER A 69 -2.99 2.54 -14.72
C SER A 69 -4.24 2.33 -15.48
#